data_5CSX
#
_entry.id   5CSX
#
_cell.length_a   49.375
_cell.length_b   116.136
_cell.length_c   102.423
_cell.angle_alpha   90.000
_cell.angle_beta   90.000
_cell.angle_gamma   90.000
#
_symmetry.space_group_name_H-M   'C 2 2 21'
#
loop_
_entity.id
_entity.type
_entity.pdbx_description
1 polymer 'Serine/threonine-protein kinase B-raf'
2 non-polymer N-(3-{5-[(1-ethylpiperidin-4-yl)(methyl)amino]-3-(pyrimidin-5-yl)-1H-pyrrolo[3,2-b]pyridin-1-yl}-2,4-difluorophenyl)propane-1-sulfonamide
3 non-polymer alpha-D-glucopyranose
4 water water
#
_entity_poly.entity_id   1
_entity_poly.type   'polypeptide(L)'
_entity_poly.pdbx_seq_one_letter_code
;GPRDSSDDWEIPDGQITVGQRIGSGSFGTVYKGKWHGDVAVKMLNVTAPTPQQLQAFKNEVGVLRKTRHVNILLFMGYST
KPQLAIVTQWCEGSSLYHHLHASETKFEMKKLIDIARQTARGMDYLHAKSIIHRDLKSNNIFLHEDNTVKIGDFGLATVK
SRWSGSHQFEQLSGSILWMAPEVIRMQDSNPYSFQSDVYAFGIVLYELMTGQLPYSNINNRDQIIEMVGRGSLSPDLSKV
RSNCPKRMKRLMAECLKKKRDERPSFPRILAEIEELARELSG
;
_entity_poly.pdbx_strand_id   A
#
loop_
_chem_comp.id
_chem_comp.type
_chem_comp.name
_chem_comp.formula
54J non-polymer N-(3-{5-[(1-ethylpiperidin-4-yl)(methyl)amino]-3-(pyrimidin-5-yl)-1H-pyrrolo[3,2-b]pyridin-1-yl}-2,4-difluorophenyl)propane-1-sulfonamide 'C28 H33 F2 N7 O2 S'
GLC D-saccharide, alpha linking alpha-D-glucopyranose 'C6 H12 O6'
#
# COMPACT_ATOMS: atom_id res chain seq x y z
N ASP A 7 21.14 -12.08 9.04
CA ASP A 7 20.68 -12.30 10.45
C ASP A 7 20.91 -11.07 11.34
N ASP A 8 22.01 -10.35 11.09
CA ASP A 8 22.38 -9.16 11.86
C ASP A 8 21.76 -7.91 11.21
N TRP A 9 20.44 -7.81 11.30
CA TRP A 9 19.71 -6.62 10.83
C TRP A 9 19.48 -5.60 11.96
N GLU A 10 19.91 -5.94 13.18
CA GLU A 10 19.91 -4.97 14.29
C GLU A 10 21.05 -3.99 14.13
N ILE A 11 20.73 -2.69 14.15
CA ILE A 11 21.73 -1.64 14.09
C ILE A 11 22.06 -1.23 15.53
N PRO A 12 23.34 -1.33 15.95
CA PRO A 12 23.77 -0.88 17.29
C PRO A 12 23.46 0.58 17.61
N ASP A 13 23.38 0.88 18.91
CA ASP A 13 23.06 2.24 19.39
C ASP A 13 24.17 3.21 18.98
N GLY A 14 23.77 4.38 18.45
CA GLY A 14 24.72 5.44 18.07
C GLY A 14 25.06 5.56 16.59
N GLN A 15 24.86 4.50 15.82
CA GLN A 15 25.22 4.49 14.38
C GLN A 15 24.32 5.39 13.51
N ILE A 16 23.04 5.47 13.86
CA ILE A 16 22.06 6.28 13.13
C ILE A 16 21.99 7.67 13.72
N THR A 17 22.19 8.70 12.89
CA THR A 17 21.92 10.07 13.29
C THR A 17 20.50 10.38 12.86
N VAL A 18 19.60 10.49 13.83
CA VAL A 18 18.20 10.83 13.57
C VAL A 18 18.07 12.32 13.32
N GLY A 19 17.53 12.69 12.16
CA GLY A 19 17.42 14.09 11.72
C GLY A 19 16.01 14.63 11.86
N GLN A 20 15.52 15.30 10.81
CA GLN A 20 14.21 15.93 10.81
C GLN A 20 13.05 14.93 10.99
N ARG A 21 12.05 15.30 11.78
CA ARG A 21 10.80 14.53 11.87
C ARG A 21 9.97 14.81 10.62
N ILE A 22 9.56 13.75 9.93
CA ILE A 22 8.82 13.83 8.67
C ILE A 22 7.32 13.61 8.85
N GLY A 23 6.94 12.75 9.80
CA GLY A 23 5.52 12.54 10.13
C GLY A 23 5.31 11.97 11.52
N SER A 24 4.09 12.15 12.04
CA SER A 24 3.75 11.74 13.41
C SER A 24 2.29 11.28 13.53
N GLY A 25 2.09 10.20 14.29
CA GLY A 25 0.77 9.70 14.66
C GLY A 25 0.80 9.04 16.02
N SER A 26 -0.27 8.33 16.37
CA SER A 26 -0.39 7.70 17.70
C SER A 26 0.54 6.51 17.85
N PHE A 27 0.57 5.64 16.84
CA PHE A 27 1.42 4.44 16.87
C PHE A 27 2.91 4.75 16.71
N GLY A 28 3.25 5.72 15.86
CA GLY A 28 4.64 5.97 15.52
C GLY A 28 5.01 7.33 14.98
N THR A 29 6.30 7.57 14.89
CA THR A 29 6.90 8.81 14.39
C THR A 29 8.00 8.43 13.40
N VAL A 30 8.06 9.17 12.29
CA VAL A 30 9.02 8.89 11.23
C VAL A 30 10.00 10.04 11.08
N TYR A 31 11.28 9.71 10.99
CA TYR A 31 12.35 10.68 10.82
C TYR A 31 13.15 10.39 9.56
N LYS A 32 13.70 11.46 8.98
CA LYS A 32 14.80 11.37 8.04
C LYS A 32 16.06 11.21 8.88
N GLY A 33 16.98 10.36 8.45
CA GLY A 33 18.21 10.12 9.21
C GLY A 33 19.38 9.70 8.35
N LYS A 34 20.57 9.73 8.94
CA LYS A 34 21.81 9.34 8.26
C LYS A 34 22.36 8.02 8.79
N TRP A 35 22.48 7.03 7.90
CA TRP A 35 23.13 5.76 8.19
C TRP A 35 23.69 5.15 6.89
N HIS A 36 24.97 5.40 6.64
CA HIS A 36 25.64 5.05 5.37
C HIS A 36 24.91 5.66 4.16
N GLY A 37 24.54 6.92 4.30
CA GLY A 37 23.68 7.62 3.33
C GLY A 37 22.36 7.97 3.97
N ASP A 38 21.34 8.22 3.14
CA ASP A 38 20.02 8.63 3.63
C ASP A 38 19.17 7.41 3.97
N VAL A 39 18.44 7.50 5.08
CA VAL A 39 17.48 6.47 5.49
C VAL A 39 16.25 7.12 6.12
N ALA A 40 15.14 6.40 6.09
CA ALA A 40 13.96 6.74 6.88
C ALA A 40 13.97 5.84 8.10
N VAL A 41 13.61 6.41 9.26
CA VAL A 41 13.56 5.70 10.53
C VAL A 41 12.20 5.89 11.19
N LYS A 42 11.38 4.84 11.20
CA LYS A 42 10.10 4.85 11.88
C LYS A 42 10.32 4.34 13.31
N MET A 43 10.20 5.24 14.27
CA MET A 43 10.25 4.89 15.70
C MET A 43 8.84 4.76 16.27
N LEU A 44 8.64 3.73 17.09
CA LEU A 44 7.32 3.46 17.69
C LEU A 44 7.17 4.33 18.95
N ASN A 45 6.02 4.99 19.08
CA ASN A 45 5.75 5.87 20.23
C ASN A 45 5.38 5.05 21.49
N VAL A 46 6.39 4.42 22.05
CA VAL A 46 6.27 3.59 23.25
C VAL A 46 7.68 3.35 23.79
N THR A 47 8.06 4.14 24.81
CA THR A 47 9.43 4.14 25.35
C THR A 47 9.70 2.87 26.16
N ALA A 48 8.82 2.59 27.12
CA ALA A 48 8.87 1.37 27.92
C ALA A 48 8.06 0.29 27.19
N PRO A 49 8.73 -0.71 26.57
CA PRO A 49 8.00 -1.67 25.75
C PRO A 49 7.27 -2.70 26.59
N THR A 50 5.95 -2.81 26.40
CA THR A 50 5.15 -3.86 27.06
C THR A 50 5.63 -5.24 26.58
N PRO A 51 5.64 -6.24 27.49
CA PRO A 51 6.27 -7.52 27.16
C PRO A 51 5.47 -8.27 26.10
N GLN A 52 6.16 -8.77 25.07
CA GLN A 52 5.54 -9.38 23.89
C GLN A 52 4.72 -8.40 23.01
N GLN A 53 4.92 -7.10 23.18
CA GLN A 53 4.67 -6.10 22.12
C GLN A 53 5.97 -5.99 21.31
N LEU A 54 7.09 -6.10 22.01
CA LEU A 54 8.40 -6.47 21.44
C LEU A 54 8.32 -7.66 20.46
N GLN A 55 7.48 -8.63 20.77
CA GLN A 55 7.22 -9.77 19.88
C GLN A 55 6.52 -9.32 18.58
N ALA A 56 5.54 -8.43 18.71
CA ALA A 56 4.86 -7.81 17.56
C ALA A 56 5.85 -7.03 16.67
N PHE A 57 6.77 -6.32 17.31
CA PHE A 57 7.90 -5.67 16.63
C PHE A 57 8.82 -6.72 15.98
N LYS A 58 9.14 -7.80 16.71
CA LYS A 58 9.99 -8.88 16.19
C LYS A 58 9.35 -9.64 15.02
N ASN A 59 8.04 -9.92 15.11
CA ASN A 59 7.31 -10.64 14.06
C ASN A 59 7.14 -9.83 12.78
N GLU A 60 7.01 -8.52 12.91
CA GLU A 60 7.05 -7.63 11.74
C GLU A 60 8.46 -7.60 11.14
N VAL A 61 9.48 -7.41 11.97
CA VAL A 61 10.87 -7.47 11.51
C VAL A 61 11.15 -8.77 10.74
N GLY A 62 10.59 -9.88 11.20
CA GLY A 62 10.70 -11.18 10.53
C GLY A 62 9.90 -11.29 9.22
N VAL A 63 8.89 -10.44 9.05
CA VAL A 63 8.16 -10.32 7.78
C VAL A 63 8.94 -9.44 6.79
N LEU A 64 9.32 -8.24 7.24
CA LEU A 64 10.08 -7.28 6.40
C LEU A 64 11.42 -7.86 5.89
N ARG A 65 12.09 -8.60 6.76
CA ARG A 65 13.30 -9.39 6.46
C ARG A 65 13.18 -10.33 5.24
N LYS A 66 11.97 -10.80 4.97
CA LYS A 66 11.72 -11.71 3.83
C LYS A 66 11.52 -11.04 2.47
N THR A 67 11.50 -9.70 2.42
CA THR A 67 11.21 -8.96 1.18
C THR A 67 12.47 -8.38 0.52
N ARG A 68 12.78 -8.91 -0.67
CA ARG A 68 13.83 -8.35 -1.54
C ARG A 68 13.28 -8.14 -2.96
N HIS A 69 12.76 -6.95 -3.23
CA HIS A 69 12.15 -6.61 -4.53
C HIS A 69 12.14 -5.10 -4.76
N VAL A 70 12.44 -4.69 -6.00
CA VAL A 70 12.56 -3.27 -6.38
C VAL A 70 11.28 -2.43 -6.16
N ASN A 71 10.11 -3.08 -6.17
CA ASN A 71 8.83 -2.41 -5.97
C ASN A 71 8.27 -2.52 -4.56
N ILE A 72 9.09 -3.02 -3.63
CA ILE A 72 8.79 -3.03 -2.21
C ILE A 72 9.82 -2.13 -1.52
N LEU A 73 9.34 -1.19 -0.71
CA LEU A 73 10.21 -0.32 0.09
C LEU A 73 11.28 -1.15 0.80
N LEU A 74 12.55 -0.77 0.57
CA LEU A 74 13.68 -1.57 1.03
C LEU A 74 13.85 -1.45 2.53
N PHE A 75 13.50 -2.54 3.23
CA PHE A 75 13.89 -2.74 4.64
C PHE A 75 15.41 -2.75 4.70
N MET A 76 16.00 -2.03 5.65
CA MET A 76 17.46 -1.97 5.84
C MET A 76 17.95 -2.44 7.22
N GLY A 77 17.09 -2.35 8.23
CA GLY A 77 17.42 -2.83 9.57
C GLY A 77 16.47 -2.33 10.64
N TYR A 78 16.88 -2.49 11.89
CA TYR A 78 16.10 -2.04 13.04
C TYR A 78 16.97 -1.69 14.24
N SER A 79 16.44 -0.85 15.13
CA SER A 79 17.05 -0.52 16.42
C SER A 79 16.17 -1.04 17.55
N THR A 80 16.77 -1.67 18.55
CA THR A 80 16.07 -1.99 19.80
C THR A 80 16.41 -0.95 20.86
N LYS A 81 17.70 -0.62 20.96
CA LYS A 81 18.18 0.47 21.81
C LYS A 81 18.59 1.66 20.93
N PRO A 82 18.24 2.90 21.34
CA PRO A 82 17.52 3.33 22.53
C PRO A 82 16.00 3.11 22.49
N GLN A 83 15.38 3.33 21.33
CA GLN A 83 13.96 3.04 21.09
C GLN A 83 13.83 1.87 20.12
N LEU A 84 12.63 1.26 20.10
CA LEU A 84 12.27 0.29 19.06
C LEU A 84 12.01 1.06 17.76
N ALA A 85 12.75 0.74 16.71
CA ALA A 85 12.75 1.50 15.45
C ALA A 85 12.96 0.60 14.23
N ILE A 86 12.33 0.96 13.11
CA ILE A 86 12.48 0.24 11.84
C ILE A 86 13.12 1.16 10.80
N VAL A 87 14.15 0.69 10.13
CA VAL A 87 14.93 1.50 9.20
C VAL A 87 14.68 1.05 7.75
N THR A 88 14.27 1.99 6.91
CA THR A 88 14.13 1.74 5.47
C THR A 88 14.95 2.75 4.66
N GLN A 89 15.09 2.48 3.37
CA GLN A 89 15.65 3.43 2.42
C GLN A 89 14.89 4.77 2.45
N TRP A 90 15.60 5.84 2.12
CA TRP A 90 14.98 7.15 1.93
C TRP A 90 14.63 7.31 0.45
N CYS A 91 13.35 7.54 0.17
CA CYS A 91 12.87 7.79 -1.20
C CYS A 91 12.56 9.27 -1.43
N GLU A 92 13.06 9.82 -2.53
CA GLU A 92 12.71 11.18 -2.91
C GLU A 92 11.43 11.11 -3.74
N GLY A 93 10.47 11.97 -3.44
CA GLY A 93 9.20 12.05 -4.19
C GLY A 93 7.97 12.08 -3.30
N SER A 94 6.87 11.54 -3.81
CA SER A 94 5.62 11.47 -3.05
C SER A 94 4.71 10.33 -3.56
N SER A 95 3.66 10.06 -2.80
CA SER A 95 2.81 8.88 -3.03
C SER A 95 1.87 9.04 -4.21
N LEU A 96 1.35 7.91 -4.71
CA LEU A 96 0.38 7.95 -5.79
C LEU A 96 -0.85 8.78 -5.42
N TYR A 97 -1.32 8.62 -4.18
CA TYR A 97 -2.44 9.41 -3.66
C TYR A 97 -2.21 10.90 -3.79
N HIS A 98 -1.02 11.36 -3.38
CA HIS A 98 -0.66 12.78 -3.49
C HIS A 98 -0.61 13.26 -4.94
N HIS A 99 -0.07 12.43 -5.83
CA HIS A 99 0.00 12.78 -7.25
C HIS A 99 -1.40 12.89 -7.87
N LEU A 100 -2.24 11.89 -7.64
CA LEU A 100 -3.56 11.81 -8.28
C LEU A 100 -4.59 12.79 -7.71
N HIS A 101 -4.62 12.94 -6.39
CA HIS A 101 -5.73 13.59 -5.67
C HIS A 101 -5.42 14.90 -4.95
N ALA A 102 -4.14 15.18 -4.69
CA ALA A 102 -3.73 16.47 -4.10
C ALA A 102 -2.99 17.36 -5.12
N SER A 103 -2.01 16.79 -5.82
CA SER A 103 -1.11 17.55 -6.71
C SER A 103 -1.65 17.84 -8.12
N GLU A 104 -2.76 17.20 -8.49
CA GLU A 104 -3.32 17.31 -9.85
C GLU A 104 -2.33 16.89 -10.95
N THR A 105 -1.47 15.92 -10.65
CA THR A 105 -0.53 15.40 -11.64
C THR A 105 -1.33 14.67 -12.71
N LYS A 106 -1.00 14.96 -13.97
CA LYS A 106 -1.68 14.39 -15.13
C LYS A 106 -0.68 13.54 -15.91
N PHE A 107 -0.52 12.29 -15.46
CA PHE A 107 0.35 11.32 -16.11
C PHE A 107 -0.23 10.89 -17.45
N GLU A 108 0.63 10.54 -18.40
CA GLU A 108 0.18 9.89 -19.64
C GLU A 108 -0.23 8.44 -19.35
N MET A 109 -1.06 7.88 -20.24
CA MET A 109 -1.55 6.51 -20.10
C MET A 109 -0.43 5.49 -19.99
N LYS A 110 0.61 5.65 -20.81
CA LYS A 110 1.81 4.82 -20.74
C LYS A 110 2.40 4.78 -19.31
N LYS A 111 2.46 5.95 -18.67
CA LYS A 111 2.95 6.05 -17.28
C LYS A 111 1.94 5.41 -16.31
N LEU A 112 0.65 5.69 -16.50
CA LEU A 112 -0.40 5.11 -15.65
C LEU A 112 -0.38 3.59 -15.66
N ILE A 113 -0.27 3.00 -16.85
CA ILE A 113 -0.16 1.54 -16.96
C ILE A 113 1.15 1.05 -16.34
N ASP A 114 2.24 1.78 -16.56
CA ASP A 114 3.51 1.44 -15.92
C ASP A 114 3.45 1.42 -14.37
N ILE A 115 2.71 2.36 -13.78
CA ILE A 115 2.49 2.37 -12.33
C ILE A 115 1.65 1.15 -11.92
N ALA A 116 0.58 0.89 -12.66
CA ALA A 116 -0.24 -0.30 -12.41
C ALA A 116 0.56 -1.61 -12.57
N ARG A 117 1.47 -1.62 -13.54
CA ARG A 117 2.36 -2.77 -13.77
C ARG A 117 3.28 -3.06 -12.59
N GLN A 118 3.99 -2.03 -12.14
CA GLN A 118 4.96 -2.15 -11.05
C GLN A 118 4.32 -2.48 -9.70
N THR A 119 3.16 -1.91 -9.44
CA THR A 119 2.36 -2.28 -8.25
C THR A 119 1.98 -3.75 -8.33
N ALA A 120 1.57 -4.21 -9.51
CA ALA A 120 1.24 -5.63 -9.72
C ALA A 120 2.44 -6.54 -9.44
N ARG A 121 3.61 -6.17 -9.98
CA ARG A 121 4.86 -6.90 -9.73
C ARG A 121 5.15 -7.09 -8.24
N GLY A 122 5.07 -5.99 -7.50
CA GLY A 122 5.30 -5.99 -6.06
C GLY A 122 4.31 -6.84 -5.29
N MET A 123 3.02 -6.71 -5.62
CA MET A 123 1.97 -7.49 -4.99
C MET A 123 2.08 -8.97 -5.32
N ASP A 124 2.38 -9.28 -6.58
CA ASP A 124 2.65 -10.65 -7.02
C ASP A 124 3.81 -11.26 -6.23
N TYR A 125 4.84 -10.47 -5.97
CA TYR A 125 5.99 -10.93 -5.19
C TYR A 125 5.61 -11.22 -3.74
N LEU A 126 4.90 -10.27 -3.13
CA LEU A 126 4.40 -10.42 -1.74
C LEU A 126 3.54 -11.66 -1.57
N HIS A 127 2.57 -11.83 -2.45
CA HIS A 127 1.69 -13.01 -2.44
C HIS A 127 2.42 -14.31 -2.72
N ALA A 128 3.45 -14.27 -3.55
CA ALA A 128 4.29 -15.44 -3.81
C ALA A 128 5.11 -15.88 -2.58
N LYS A 129 5.34 -14.96 -1.64
CA LYS A 129 5.95 -15.25 -0.34
C LYS A 129 4.91 -15.39 0.80
N SER A 130 3.63 -15.56 0.46
CA SER A 130 2.52 -15.69 1.42
C SER A 130 2.36 -14.50 2.39
N ILE A 131 2.76 -13.31 1.94
CA ILE A 131 2.56 -12.08 2.72
C ILE A 131 1.33 -11.37 2.15
N ILE A 132 0.36 -11.11 3.02
CA ILE A 132 -0.85 -10.37 2.67
C ILE A 132 -0.67 -8.96 3.21
N HIS A 133 -0.84 -7.97 2.34
CA HIS A 133 -0.59 -6.58 2.71
C HIS A 133 -1.62 -6.01 3.69
N ARG A 134 -2.91 -6.28 3.44
CA ARG A 134 -4.05 -5.89 4.32
C ARG A 134 -4.50 -4.42 4.26
N ASP A 135 -3.72 -3.58 3.58
CA ASP A 135 -3.99 -2.14 3.54
C ASP A 135 -3.37 -1.50 2.27
N LEU A 136 -3.52 -2.18 1.14
CA LEU A 136 -3.06 -1.64 -0.13
C LEU A 136 -3.97 -0.48 -0.51
N LYS A 137 -3.35 0.67 -0.75
CA LYS A 137 -4.05 1.86 -1.23
C LYS A 137 -3.05 2.83 -1.87
N SER A 138 -3.55 3.87 -2.52
CA SER A 138 -2.68 4.80 -3.24
C SER A 138 -1.71 5.57 -2.31
N ASN A 139 -2.11 5.77 -1.06
CA ASN A 139 -1.23 6.35 -0.02
C ASN A 139 -0.01 5.50 0.31
N ASN A 140 -0.16 4.18 0.17
CA ASN A 140 0.90 3.22 0.48
C ASN A 140 1.74 2.80 -0.73
N ILE A 141 1.52 3.46 -1.87
CA ILE A 141 2.33 3.30 -3.08
C ILE A 141 3.11 4.60 -3.27
N PHE A 142 4.40 4.55 -2.90
CA PHE A 142 5.30 5.70 -3.07
C PHE A 142 5.89 5.69 -4.49
N LEU A 143 5.85 6.84 -5.17
CA LEU A 143 6.57 7.00 -6.45
C LEU A 143 7.94 7.61 -6.19
N HIS A 144 8.95 6.74 -6.18
CA HIS A 144 10.34 7.12 -5.94
C HIS A 144 10.91 7.74 -7.21
N GLU A 145 11.50 8.93 -7.09
CA GLU A 145 11.91 9.79 -8.23
C GLU A 145 10.71 10.16 -9.12
N ASP A 146 9.50 10.04 -8.57
CA ASP A 146 8.22 10.10 -9.32
C ASP A 146 8.10 9.08 -10.49
N ASN A 147 8.87 7.98 -10.43
CA ASN A 147 8.97 6.99 -11.51
C ASN A 147 8.83 5.53 -11.05
N THR A 148 9.44 5.18 -9.91
CA THR A 148 9.44 3.80 -9.41
C THR A 148 8.48 3.61 -8.24
N VAL A 149 7.53 2.68 -8.41
CA VAL A 149 6.62 2.29 -7.34
C VAL A 149 7.38 1.59 -6.22
N LYS A 150 7.19 2.05 -4.99
CA LYS A 150 7.75 1.40 -3.80
C LYS A 150 6.60 1.16 -2.83
N ILE A 151 6.11 -0.07 -2.80
CA ILE A 151 5.02 -0.45 -1.91
C ILE A 151 5.54 -0.50 -0.48
N GLY A 152 4.78 0.11 0.43
CA GLY A 152 5.06 0.09 1.85
C GLY A 152 3.78 0.20 2.65
N ASP A 153 3.89 0.65 3.89
CA ASP A 153 2.76 0.89 4.77
C ASP A 153 3.05 2.18 5.53
N PHE A 154 2.55 3.29 5.01
CA PHE A 154 2.97 4.62 5.45
C PHE A 154 2.07 5.19 6.54
N GLY A 155 1.17 4.36 7.07
CA GLY A 155 0.26 4.77 8.15
C GLY A 155 0.97 4.82 9.49
N LEU A 156 0.71 5.88 10.27
CA LEU A 156 1.25 6.03 11.63
C LEU A 156 0.15 6.14 12.71
N ALA A 157 -1.10 5.89 12.32
CA ALA A 157 -2.25 6.04 13.23
C ALA A 157 -2.40 4.83 14.14
N THR A 158 -2.51 3.66 13.53
CA THR A 158 -2.77 2.41 14.25
C THR A 158 -1.65 1.41 14.06
N VAL A 159 -1.54 0.47 15.00
CA VAL A 159 -0.70 -0.73 14.83
C VAL A 159 -1.30 -1.54 13.69
N LYS A 160 -0.44 -2.18 12.90
CA LYS A 160 -0.88 -2.93 11.74
C LYS A 160 -1.73 -4.12 12.18
N SER A 161 -2.94 -4.22 11.62
CA SER A 161 -3.88 -5.29 11.95
C SER A 161 -3.32 -6.63 11.46
N ARG A 162 -2.80 -7.41 12.41
CA ARG A 162 -2.10 -8.69 12.13
C ARG A 162 -1.69 -9.34 13.44
N SER A 173 -10.53 2.82 8.45
CA SER A 173 -10.84 4.18 8.90
C SER A 173 -10.62 5.23 7.79
N GLY A 174 -9.35 5.47 7.42
CA GLY A 174 -8.99 6.22 6.22
C GLY A 174 -8.53 5.30 5.09
N SER A 175 -8.95 4.04 5.17
CA SER A 175 -8.68 3.00 4.17
C SER A 175 -9.95 2.36 3.61
N ILE A 176 -11.13 2.86 4.01
CA ILE A 176 -12.41 2.21 3.67
C ILE A 176 -12.71 2.10 2.17
N LEU A 177 -12.22 3.07 1.39
CA LEU A 177 -12.46 3.09 -0.07
C LEU A 177 -11.86 1.89 -0.80
N TRP A 178 -10.78 1.33 -0.24
CA TRP A 178 -10.06 0.18 -0.80
C TRP A 178 -10.44 -1.17 -0.15
N MET A 179 -11.32 -1.14 0.85
CA MET A 179 -11.68 -2.35 1.61
C MET A 179 -12.72 -3.22 0.88
N ALA A 180 -12.47 -4.52 0.77
CA ALA A 180 -13.39 -5.43 0.10
C ALA A 180 -14.66 -5.59 0.94
N PRO A 181 -15.82 -5.89 0.30
CA PRO A 181 -17.10 -6.03 1.00
C PRO A 181 -17.06 -6.93 2.24
N GLU A 182 -16.46 -8.11 2.10
CA GLU A 182 -16.26 -9.03 3.23
C GLU A 182 -15.35 -8.44 4.32
N VAL A 183 -14.40 -7.59 3.95
CA VAL A 183 -13.53 -6.91 4.92
C VAL A 183 -14.28 -5.82 5.69
N ILE A 184 -15.22 -5.15 5.03
CA ILE A 184 -16.10 -4.19 5.70
C ILE A 184 -17.08 -4.91 6.64
N ARG A 185 -17.66 -6.01 6.19
CA ARG A 185 -18.64 -6.77 6.99
C ARG A 185 -18.09 -7.29 8.32
N MET A 186 -16.83 -7.73 8.33
CA MET A 186 -16.18 -8.32 9.52
C MET A 186 -16.98 -9.51 10.09
N GLN A 187 -17.54 -10.33 9.21
CA GLN A 187 -18.22 -11.57 9.60
C GLN A 187 -17.24 -12.76 9.64
N ASP A 188 -16.04 -12.59 9.06
CA ASP A 188 -15.03 -13.64 8.91
C ASP A 188 -15.54 -14.83 8.08
N PRO A 191 -11.20 -12.96 6.75
CA PRO A 191 -11.57 -11.60 6.37
C PRO A 191 -10.56 -10.96 5.43
N TYR A 192 -9.30 -10.85 5.89
CA TYR A 192 -8.18 -10.38 5.06
C TYR A 192 -7.57 -11.57 4.35
N SER A 193 -7.32 -11.42 3.05
CA SER A 193 -6.78 -12.49 2.22
C SER A 193 -6.14 -11.95 0.96
N PHE A 194 -5.50 -12.82 0.18
CA PHE A 194 -4.94 -12.44 -1.12
C PHE A 194 -6.02 -11.81 -1.99
N GLN A 195 -7.23 -12.37 -1.90
CA GLN A 195 -8.38 -11.91 -2.67
C GLN A 195 -8.81 -10.49 -2.27
N SER A 196 -8.70 -10.16 -0.98
CA SER A 196 -9.00 -8.80 -0.50
C SER A 196 -7.94 -7.77 -0.94
N ASP A 197 -6.67 -8.18 -0.92
CA ASP A 197 -5.58 -7.40 -1.52
C ASP A 197 -5.85 -7.11 -2.99
N VAL A 198 -6.32 -8.13 -3.71
CA VAL A 198 -6.65 -7.98 -5.13
C VAL A 198 -7.77 -6.95 -5.35
N TYR A 199 -8.77 -6.93 -4.48
CA TYR A 199 -9.85 -5.91 -4.55
C TYR A 199 -9.31 -4.49 -4.40
N ALA A 200 -8.46 -4.29 -3.38
CA ALA A 200 -7.82 -3.00 -3.15
C ALA A 200 -7.06 -2.52 -4.40
N PHE A 201 -6.35 -3.45 -5.04
CA PHE A 201 -5.66 -3.19 -6.31
C PHE A 201 -6.64 -2.79 -7.40
N GLY A 202 -7.84 -3.38 -7.38
CA GLY A 202 -8.94 -2.98 -8.23
C GLY A 202 -9.28 -1.51 -8.06
N ILE A 203 -9.41 -1.07 -6.81
CA ILE A 203 -9.67 0.35 -6.53
C ILE A 203 -8.48 1.28 -6.91
N VAL A 204 -7.25 0.77 -6.89
CA VAL A 204 -6.11 1.53 -7.41
C VAL A 204 -6.20 1.71 -8.93
N LEU A 205 -6.57 0.66 -9.67
CA LEU A 205 -6.76 0.77 -11.11
C LEU A 205 -7.84 1.80 -11.43
N TYR A 206 -8.93 1.79 -10.65
CA TYR A 206 -9.98 2.80 -10.74
C TYR A 206 -9.38 4.20 -10.61
N GLU A 207 -8.56 4.40 -9.58
CA GLU A 207 -7.90 5.70 -9.35
C GLU A 207 -7.05 6.12 -10.54
N LEU A 208 -6.21 5.21 -11.00
CA LEU A 208 -5.34 5.46 -12.15
C LEU A 208 -6.12 5.79 -13.43
N MET A 209 -7.17 5.02 -13.70
CA MET A 209 -7.91 5.13 -14.97
C MET A 209 -9.01 6.22 -15.01
N THR A 210 -9.50 6.64 -13.85
CA THR A 210 -10.47 7.74 -13.76
C THR A 210 -9.84 9.05 -13.29
N GLY A 211 -8.78 8.97 -12.47
CA GLY A 211 -8.17 10.13 -11.83
C GLY A 211 -8.83 10.54 -10.53
N GLN A 212 -9.86 9.80 -10.11
CA GLN A 212 -10.69 10.16 -8.97
C GLN A 212 -10.76 9.01 -7.97
N LEU A 213 -11.09 9.37 -6.72
CA LEU A 213 -11.47 8.37 -5.72
C LEU A 213 -12.85 7.83 -6.06
N PRO A 214 -13.14 6.55 -5.72
CA PRO A 214 -14.52 6.10 -5.86
C PRO A 214 -15.44 6.78 -4.86
N TYR A 215 -16.74 6.72 -5.12
CA TYR A 215 -17.78 7.25 -4.21
C TYR A 215 -17.68 8.76 -3.96
N SER A 216 -17.18 9.50 -4.95
CA SER A 216 -16.99 10.95 -4.84
C SER A 216 -18.28 11.68 -4.54
N ASN A 217 -19.38 11.20 -5.13
CA ASN A 217 -20.71 11.79 -4.88
C ASN A 217 -21.31 11.46 -3.51
N ILE A 218 -20.92 10.34 -2.90
CA ILE A 218 -21.45 9.94 -1.61
C ILE A 218 -20.85 10.79 -0.46
N ASN A 219 -21.74 11.40 0.31
CA ASN A 219 -21.36 12.41 1.31
C ASN A 219 -20.79 11.88 2.63
N ASN A 220 -21.09 10.64 2.96
CA ASN A 220 -20.89 10.12 4.31
C ASN A 220 -20.14 8.78 4.29
N ARG A 221 -19.16 8.61 5.17
CA ARG A 221 -18.42 7.34 5.27
C ARG A 221 -19.30 6.19 5.76
N ASP A 222 -20.08 6.43 6.82
CA ASP A 222 -20.99 5.41 7.36
C ASP A 222 -21.97 4.88 6.30
N GLN A 223 -22.33 5.75 5.36
CA GLN A 223 -23.14 5.39 4.18
C GLN A 223 -22.38 4.44 3.25
N ILE A 224 -21.09 4.70 3.03
CA ILE A 224 -20.23 3.83 2.21
C ILE A 224 -20.05 2.48 2.88
N ILE A 225 -19.85 2.50 4.19
CA ILE A 225 -19.66 1.25 4.98
C ILE A 225 -20.92 0.37 4.91
N GLU A 226 -22.07 0.98 5.18
CA GLU A 226 -23.37 0.27 5.11
C GLU A 226 -23.65 -0.33 3.73
N MET A 227 -23.59 0.51 2.69
CA MET A 227 -24.02 0.09 1.34
C MET A 227 -23.03 -0.84 0.63
N VAL A 228 -21.72 -0.64 0.82
CA VAL A 228 -20.70 -1.59 0.31
C VAL A 228 -20.77 -2.92 1.09
N GLY A 229 -21.02 -2.86 2.40
CA GLY A 229 -21.23 -4.04 3.22
C GLY A 229 -22.48 -4.83 2.86
N ARG A 230 -23.58 -4.10 2.60
CA ARG A 230 -24.85 -4.71 2.17
C ARG A 230 -24.99 -4.87 0.63
N GLY A 231 -23.88 -4.80 -0.11
CA GLY A 231 -23.84 -5.07 -1.55
C GLY A 231 -24.46 -4.04 -2.48
N SER A 232 -25.04 -2.96 -1.96
CA SER A 232 -25.86 -2.04 -2.76
C SER A 232 -25.09 -0.84 -3.34
N LEU A 233 -23.77 -0.78 -3.14
CA LEU A 233 -22.93 0.27 -3.73
C LEU A 233 -21.68 -0.35 -4.33
N SER A 234 -21.32 0.13 -5.52
CA SER A 234 -20.06 -0.24 -6.20
C SER A 234 -19.54 0.94 -7.05
N PRO A 235 -18.23 0.94 -7.39
CA PRO A 235 -17.68 2.10 -8.08
C PRO A 235 -18.24 2.31 -9.48
N ASP A 236 -18.37 3.57 -9.90
CA ASP A 236 -18.89 3.91 -11.24
C ASP A 236 -17.81 3.71 -12.29
N LEU A 237 -17.85 2.57 -12.96
CA LEU A 237 -16.85 2.21 -13.96
C LEU A 237 -16.90 3.06 -15.24
N SER A 238 -18.03 3.71 -15.51
CA SER A 238 -18.16 4.59 -16.68
C SER A 238 -17.31 5.87 -16.62
N LYS A 239 -16.81 6.22 -15.44
CA LYS A 239 -15.96 7.40 -15.26
C LYS A 239 -14.53 7.26 -15.77
N VAL A 240 -14.15 6.08 -16.27
CA VAL A 240 -12.80 5.86 -16.80
C VAL A 240 -12.51 6.77 -18.01
N ARG A 241 -11.27 7.25 -18.10
CA ARG A 241 -10.82 8.10 -19.20
C ARG A 241 -11.18 7.47 -20.54
N SER A 242 -11.46 8.31 -21.54
CA SER A 242 -11.81 7.84 -22.89
C SER A 242 -10.67 7.04 -23.56
N ASN A 243 -9.42 7.32 -23.18
CA ASN A 243 -8.26 6.54 -23.65
C ASN A 243 -7.85 5.37 -22.73
N CYS A 244 -8.76 4.94 -21.86
CA CYS A 244 -8.54 3.76 -21.00
C CYS A 244 -8.66 2.49 -21.85
N PRO A 245 -7.59 1.67 -21.92
CA PRO A 245 -7.68 0.43 -22.71
C PRO A 245 -8.81 -0.51 -22.27
N LYS A 246 -9.31 -1.30 -23.23
CA LYS A 246 -10.42 -2.23 -22.99
C LYS A 246 -10.02 -3.37 -22.06
N ARG A 247 -8.81 -3.91 -22.25
CA ARG A 247 -8.19 -4.89 -21.35
C ARG A 247 -8.19 -4.44 -19.89
N MET A 248 -7.95 -3.15 -19.65
CA MET A 248 -7.85 -2.61 -18.30
C MET A 248 -9.21 -2.43 -17.63
N LYS A 249 -10.19 -1.95 -18.38
CA LYS A 249 -11.56 -1.81 -17.85
C LYS A 249 -12.14 -3.19 -17.48
N ARG A 250 -11.85 -4.20 -18.30
CA ARG A 250 -12.21 -5.58 -18.01
C ARG A 250 -11.49 -6.14 -16.76
N LEU A 251 -10.18 -5.89 -16.66
CA LEU A 251 -9.37 -6.39 -15.54
C LEU A 251 -9.80 -5.74 -14.23
N MET A 252 -9.97 -4.42 -14.27
CA MET A 252 -10.52 -3.65 -13.15
C MET A 252 -11.82 -4.26 -12.62
N ALA A 253 -12.75 -4.59 -13.53
CA ALA A 253 -14.04 -5.18 -13.15
C ALA A 253 -13.91 -6.58 -12.52
N GLU A 254 -13.01 -7.39 -13.06
CA GLU A 254 -12.70 -8.72 -12.48
C GLU A 254 -12.12 -8.61 -11.07
N CYS A 255 -11.19 -7.67 -10.88
CA CYS A 255 -10.61 -7.39 -9.57
C CYS A 255 -11.62 -6.86 -8.54
N LEU A 256 -12.66 -6.15 -8.98
CA LEU A 256 -13.66 -5.55 -8.05
C LEU A 256 -14.87 -6.44 -7.71
N LYS A 257 -14.89 -7.69 -8.18
CA LYS A 257 -16.05 -8.58 -8.00
C LYS A 257 -16.38 -8.83 -6.52
N LYS A 258 -17.67 -8.83 -6.19
CA LYS A 258 -18.13 -8.93 -4.79
C LYS A 258 -17.76 -10.25 -4.12
N LYS A 259 -17.98 -11.34 -4.84
CA LYS A 259 -17.62 -12.68 -4.36
C LYS A 259 -16.12 -12.92 -4.51
N ARG A 260 -15.39 -12.51 -3.48
CA ARG A 260 -14.04 -13.01 -3.12
C ARG A 260 -13.35 -14.02 -4.05
N ASP A 261 -13.93 -15.21 -4.18
CA ASP A 261 -13.33 -16.30 -4.98
C ASP A 261 -13.43 -16.10 -6.50
N GLU A 262 -14.24 -15.15 -6.95
CA GLU A 262 -14.35 -14.83 -8.39
C GLU A 262 -13.26 -13.86 -8.89
N ARG A 263 -12.46 -13.31 -7.97
CA ARG A 263 -11.43 -12.32 -8.30
C ARG A 263 -10.14 -13.04 -8.71
N PRO A 264 -9.38 -12.46 -9.67
CA PRO A 264 -8.20 -13.15 -10.18
C PRO A 264 -7.02 -13.08 -9.20
N SER A 265 -6.03 -13.95 -9.43
CA SER A 265 -4.79 -13.93 -8.68
C SER A 265 -3.76 -13.05 -9.40
N PHE A 266 -2.77 -12.58 -8.66
CA PHE A 266 -1.79 -11.61 -9.18
C PHE A 266 -0.91 -12.06 -10.36
N PRO A 267 -0.56 -13.36 -10.42
CA PRO A 267 0.15 -13.83 -11.62
C PRO A 267 -0.56 -13.52 -12.94
N ARG A 268 -1.88 -13.75 -13.00
CA ARG A 268 -2.66 -13.46 -14.21
C ARG A 268 -2.94 -11.97 -14.38
N ILE A 269 -3.06 -11.23 -13.27
CA ILE A 269 -3.23 -9.77 -13.28
C ILE A 269 -1.99 -9.12 -13.90
N LEU A 270 -0.83 -9.50 -13.37
CA LEU A 270 0.49 -9.01 -13.84
C LEU A 270 0.72 -9.33 -15.31
N ALA A 271 0.53 -10.60 -15.67
CA ALA A 271 0.69 -11.07 -17.05
C ALA A 271 -0.22 -10.35 -18.04
N GLU A 272 -1.43 -10.01 -17.60
CA GLU A 272 -2.39 -9.22 -18.38
C GLU A 272 -1.94 -7.76 -18.56
N ILE A 273 -1.46 -7.15 -17.49
CA ILE A 273 -0.97 -5.77 -17.53
C ILE A 273 0.34 -5.65 -18.32
N GLU A 274 1.26 -6.60 -18.13
CA GLU A 274 2.51 -6.63 -18.90
C GLU A 274 2.23 -6.79 -20.41
N GLU A 275 1.24 -7.60 -20.75
CA GLU A 275 0.82 -7.77 -22.14
C GLU A 275 0.21 -6.49 -22.75
N LEU A 276 -0.56 -5.74 -21.97
CA LEU A 276 -1.20 -4.53 -22.47
C LEU A 276 -0.20 -3.36 -22.55
N ALA A 277 0.83 -3.38 -21.70
CA ALA A 277 1.94 -2.42 -21.79
C ALA A 277 2.74 -2.57 -23.08
N ARG A 278 3.10 -3.81 -23.44
CA ARG A 278 3.82 -4.12 -24.69
C ARG A 278 3.15 -3.57 -25.96
N GLU A 279 1.81 -3.54 -25.97
CA GLU A 279 1.04 -2.86 -27.02
C GLU A 279 0.63 -1.45 -26.57
N3 54J B . 4.93 12.58 3.61
C4 54J B . 5.48 11.32 3.08
C5 54J B . 4.97 10.13 3.92
C6 54J B . 5.38 10.34 5.38
C7 54J B . 4.82 11.67 5.87
C8 54J B . 5.38 12.79 5.01
C10 54J B . 3.51 9.22 6.69
C13 54J B . 6.21 5.90 7.30
C17 54J B . 8.85 6.63 4.92
C21 54J B . 10.77 9.09 2.15
C24 54J B . 7.61 6.93 5.65
C26 54J B . 8.57 3.70 6.95
C1 54J B . 4.40 14.93 3.08
C2 54J B . 5.30 13.73 2.77
N9 54J B . 4.88 9.18 6.16
C11 54J B . 5.68 8.04 6.33
C12 54J B . 5.37 7.00 7.22
C14 54J B . 7.37 5.84 6.50
N15 54J B . 8.41 4.94 6.32
C16 54J B . 9.27 5.42 5.38
C18 54J B . 9.53 7.49 3.92
C19 54J B . 10.52 6.98 3.05
N20 54J B . 11.11 7.80 2.20
N22 54J B . 9.86 9.61 2.95
C23 54J B . 9.23 8.86 3.83
N25 54J B . 6.76 7.95 5.60
C27 54J B . 9.69 3.47 7.74
F28 54J B . 10.60 4.45 7.90
C29 54J B . 9.87 2.24 8.36
C30 54J B . 8.94 1.22 8.19
C31 54J B . 7.82 1.42 7.38
N32 54J B . 6.89 0.38 7.23
S33 54J B . 6.81 -0.52 5.86
O34 54J B . 5.68 -1.34 6.05
O35 54J B . 6.81 0.41 4.78
C36 54J B . 8.35 -1.46 5.88
C37 54J B . 8.52 -2.16 4.53
C38 54J B . 9.96 -2.68 4.44
C39 54J B . 7.64 2.67 6.76
F40 54J B . 6.54 2.84 6.00
C1 GLC C . 5.55 -5.94 3.23
C2 GLC C . 4.79 -4.71 2.73
C3 GLC C . 4.32 -3.86 3.88
C4 GLC C . 3.56 -4.68 4.91
C5 GLC C . 4.40 -5.88 5.36
C6 GLC C . 3.63 -6.78 6.33
O1 GLC C . 6.82 -5.55 3.76
O2 GLC C . 5.61 -3.92 1.87
O3 GLC C . 3.49 -2.83 3.37
O4 GLC C . 3.23 -3.85 6.03
O5 GLC C . 4.79 -6.64 4.22
O6 GLC C . 3.99 -6.50 7.69
#